data_2OOD
#
_entry.id   2OOD
#
_cell.length_a   193.216
_cell.length_b   193.216
_cell.length_c   121.540
_cell.angle_alpha   90.00
_cell.angle_beta   90.00
_cell.angle_gamma   120.00
#
_symmetry.space_group_name_H-M   'P 64 2 2'
#
loop_
_entity.id
_entity.type
_entity.pdbx_description
1 polymer 'Blr3880 protein'
2 non-polymer 'ZINC ION'
3 non-polymer GUANINE
4 water water
#
_entity_poly.entity_id   1
_entity_poly.type   'polypeptide(L)'
_entity_poly.pdbx_seq_one_letter_code
;(MSE)SLTTVGIRGTFFDFVDDPWKHIGNEQAAARFHQDGL(MSE)VVTDGVIKAFGPYEKIAAAHPGVEITHIKDRIIV
PGFIDGHIHLPQTRVLGAYGEQLLPWLQKSIYPEEIKYKDRNYAREGVKRFLDALLAAGTTTCQAFTSSSPVATEELFEE
ASRRN(MSE)RVIAGLTGIDRNAPAEFIDTPENFYRDSKRLIAQYHDKGRNLYAITPRFAFGASPELLKACQRLKHEHPD
CWVNTHISENPAECSGVLVEHPDCQDYLGVYEKFDLVGPKFSGGHGVYLSNNEFRR(MSE)SKKGAAVVFCPCSNLFLGS
GLFRLGRATDPEHRVK(MSE)SFGTDVGGGNRFS(MSE)ISVLDDAYKVG(MSE)CNNTLLDGSIDPSRKDLAEAERNKL
SPYRGFWSVTLGGAEGLYIDDKLGNFEPGKEADFVALDPNGGQLAQPWHQSLIADGAGPRTVDEAAS(MSE)LFAV
(MSE)(MSE)VGDDRCVDETWV(MSE)GKRLYKKSEGHHHHHH
;
_entity_poly.pdbx_strand_id   A
#
loop_
_chem_comp.id
_chem_comp.type
_chem_comp.name
_chem_comp.formula
GUN non-polymer GUANINE 'C5 H5 N5 O'
ZN non-polymer 'ZINC ION' 'Zn 2'
#
# COMPACT_ATOMS: atom_id res chain seq x y z
N LEU A 3 -7.51 -28.88 -9.41
CA LEU A 3 -6.17 -29.56 -9.27
C LEU A 3 -5.85 -29.92 -7.84
N THR A 4 -5.68 -28.94 -6.97
CA THR A 4 -5.38 -29.22 -5.57
C THR A 4 -6.24 -28.39 -4.60
N THR A 5 -6.43 -28.90 -3.39
CA THR A 5 -7.23 -28.22 -2.37
C THR A 5 -6.64 -28.43 -1.00
N VAL A 6 -6.20 -27.35 -0.38
CA VAL A 6 -5.60 -27.45 0.94
C VAL A 6 -6.34 -26.60 1.96
N GLY A 7 -6.24 -26.97 3.24
CA GLY A 7 -6.91 -26.24 4.28
C GLY A 7 -5.97 -25.73 5.34
N ILE A 8 -6.00 -24.42 5.59
CA ILE A 8 -5.12 -23.82 6.58
C ILE A 8 -5.85 -23.68 7.91
N ARG A 9 -5.18 -24.14 8.97
CA ARG A 9 -5.76 -24.07 10.30
C ARG A 9 -4.91 -23.25 11.26
N GLY A 10 -5.58 -22.54 12.17
CA GLY A 10 -4.88 -21.73 13.16
C GLY A 10 -5.71 -20.54 13.58
N THR A 11 -5.09 -19.62 14.32
CA THR A 11 -5.75 -18.41 14.78
C THR A 11 -5.82 -17.35 13.65
N PHE A 12 -7.03 -16.95 13.29
CA PHE A 12 -7.27 -15.99 12.22
C PHE A 12 -7.84 -14.65 12.71
N PHE A 13 -7.43 -13.57 12.04
CA PHE A 13 -7.90 -12.22 12.37
C PHE A 13 -8.00 -11.39 11.10
N ASP A 14 -9.20 -10.97 10.73
CA ASP A 14 -9.37 -10.15 9.54
C ASP A 14 -10.54 -9.19 9.72
N PHE A 15 -10.84 -8.40 8.70
CA PHE A 15 -11.91 -7.42 8.80
C PHE A 15 -13.08 -7.64 7.86
N VAL A 16 -14.26 -7.20 8.29
CA VAL A 16 -15.47 -7.32 7.49
C VAL A 16 -16.08 -5.94 7.26
N ASP A 17 -15.49 -4.93 7.90
CA ASP A 17 -15.97 -3.56 7.78
C ASP A 17 -14.88 -2.59 8.19
N ASP A 18 -15.16 -1.29 8.04
CA ASP A 18 -14.23 -0.23 8.39
C ASP A 18 -14.32 0.12 9.88
N PRO A 19 -13.20 0.01 10.62
CA PRO A 19 -13.22 0.32 12.05
C PRO A 19 -13.58 1.77 12.33
N TRP A 20 -13.26 2.65 11.38
CA TRP A 20 -13.55 4.07 11.50
C TRP A 20 -15.04 4.29 11.62
N LYS A 21 -15.81 3.39 11.02
CA LYS A 21 -17.26 3.45 11.03
C LYS A 21 -17.85 2.96 12.34
N HIS A 22 -17.01 2.56 13.30
CA HIS A 22 -17.54 2.07 14.57
C HIS A 22 -16.85 2.70 15.78
N ILE A 23 -17.01 4.00 15.99
CA ILE A 23 -16.36 4.62 17.14
C ILE A 23 -16.81 3.98 18.44
N GLY A 24 -15.84 3.68 19.31
CA GLY A 24 -16.16 3.08 20.60
C GLY A 24 -16.52 1.62 20.55
N ASN A 25 -16.53 1.03 19.36
CA ASN A 25 -16.87 -0.37 19.21
C ASN A 25 -16.26 -0.96 17.94
N GLU A 26 -14.96 -0.77 17.79
CA GLU A 26 -14.25 -1.23 16.61
C GLU A 26 -14.21 -2.74 16.43
N GLN A 27 -14.35 -3.47 17.54
CA GLN A 27 -14.34 -4.93 17.49
C GLN A 27 -15.32 -5.45 16.44
N ALA A 28 -16.41 -4.72 16.29
CA ALA A 28 -17.46 -5.07 15.34
C ALA A 28 -16.98 -5.07 13.89
N ALA A 29 -15.84 -4.46 13.63
CA ALA A 29 -15.32 -4.43 12.26
C ALA A 29 -14.40 -5.61 12.01
N ALA A 30 -13.92 -6.21 13.10
CA ALA A 30 -13.01 -7.34 13.02
C ALA A 30 -13.73 -8.70 13.09
N ARG A 31 -13.01 -9.73 12.70
CA ARG A 31 -13.51 -11.10 12.70
C ARG A 31 -12.41 -11.97 13.27
N PHE A 32 -12.67 -12.62 14.39
CA PHE A 32 -11.65 -13.44 15.03
C PHE A 32 -12.05 -14.90 15.20
N HIS A 33 -11.11 -15.79 14.89
CA HIS A 33 -11.30 -17.23 15.03
C HIS A 33 -10.09 -17.75 15.78
N GLN A 34 -10.25 -18.11 17.04
CA GLN A 34 -9.11 -18.63 17.81
C GLN A 34 -8.59 -19.91 17.16
N ASP A 35 -9.51 -20.72 16.62
CA ASP A 35 -9.16 -21.97 15.95
C ASP A 35 -10.04 -22.13 14.72
N GLY A 36 -9.61 -21.58 13.59
CA GLY A 36 -10.41 -21.66 12.40
C GLY A 36 -9.75 -22.43 11.28
N LEU A 37 -10.51 -22.68 10.22
CA LEU A 37 -10.01 -23.41 9.07
C LEU A 37 -10.40 -22.72 7.78
N MSE A 38 -9.42 -22.55 6.90
CA MSE A 38 -9.66 -21.93 5.62
C MSE A 38 -9.37 -22.97 4.54
O MSE A 38 -8.28 -23.55 4.50
CB MSE A 38 -8.73 -20.72 5.46
CG MSE A 38 -8.90 -19.94 4.17
SE MSE A 38 -7.73 -18.33 4.15
CE MSE A 38 -6.16 -19.05 3.20
N VAL A 39 -10.36 -23.22 3.68
CA VAL A 39 -10.22 -24.21 2.62
C VAL A 39 -9.97 -23.49 1.30
N VAL A 40 -8.76 -23.62 0.79
CA VAL A 40 -8.38 -22.97 -0.46
C VAL A 40 -8.21 -23.99 -1.58
N THR A 41 -8.87 -23.76 -2.71
CA THR A 41 -8.77 -24.66 -3.85
C THR A 41 -8.16 -23.92 -5.04
N ASP A 42 -6.96 -24.34 -5.42
CA ASP A 42 -6.24 -23.70 -6.53
C ASP A 42 -5.99 -22.23 -6.21
N GLY A 43 -5.66 -21.96 -4.95
CA GLY A 43 -5.36 -20.61 -4.50
C GLY A 43 -6.55 -19.69 -4.29
N VAL A 44 -7.75 -20.24 -4.16
CA VAL A 44 -8.94 -19.43 -3.96
C VAL A 44 -9.70 -19.91 -2.73
N ILE A 45 -10.03 -18.98 -1.82
CA ILE A 45 -10.76 -19.34 -0.61
C ILE A 45 -12.08 -19.98 -1.02
N LYS A 46 -12.42 -21.10 -0.42
CA LYS A 46 -13.68 -21.77 -0.75
C LYS A 46 -14.58 -21.83 0.46
N ALA A 47 -13.97 -21.80 1.64
CA ALA A 47 -14.72 -21.86 2.87
C ALA A 47 -13.87 -21.36 4.03
N PHE A 48 -14.44 -20.50 4.85
CA PHE A 48 -13.73 -19.97 6.00
C PHE A 48 -14.69 -19.97 7.19
N GLY A 49 -14.17 -20.25 8.37
CA GLY A 49 -15.01 -20.29 9.55
C GLY A 49 -14.34 -21.08 10.65
N PRO A 50 -15.00 -21.30 11.80
CA PRO A 50 -14.40 -22.06 12.90
C PRO A 50 -13.99 -23.46 12.45
N TYR A 51 -12.96 -24.01 13.09
CA TYR A 51 -12.44 -25.33 12.74
C TYR A 51 -13.45 -26.48 12.58
N GLU A 52 -14.05 -26.91 13.69
CA GLU A 52 -15.03 -28.00 13.63
C GLU A 52 -16.00 -27.88 12.46
N LYS A 53 -16.83 -26.84 12.47
CA LYS A 53 -17.81 -26.66 11.41
C LYS A 53 -17.24 -26.78 9.99
N ILE A 54 -16.04 -26.26 9.78
CA ILE A 54 -15.44 -26.32 8.45
C ILE A 54 -14.81 -27.68 8.19
N ALA A 55 -14.09 -28.21 9.17
CA ALA A 55 -13.44 -29.51 9.02
C ALA A 55 -14.48 -30.56 8.66
N ALA A 56 -15.64 -30.45 9.31
CA ALA A 56 -16.77 -31.37 9.10
C ALA A 56 -17.37 -31.25 7.70
N ALA A 57 -17.53 -30.04 7.21
CA ALA A 57 -18.10 -29.86 5.88
C ALA A 57 -17.11 -30.25 4.77
N HIS A 58 -15.85 -30.48 5.16
CA HIS A 58 -14.81 -30.83 4.21
C HIS A 58 -14.02 -32.04 4.70
N PRO A 59 -14.70 -33.20 4.76
CA PRO A 59 -14.18 -34.51 5.19
C PRO A 59 -12.70 -34.82 4.99
N GLY A 60 -12.23 -34.89 3.75
CA GLY A 60 -10.82 -35.24 3.57
C GLY A 60 -9.84 -34.24 3.01
N VAL A 61 -9.78 -33.03 3.56
CA VAL A 61 -8.83 -32.04 3.04
C VAL A 61 -7.55 -32.03 3.86
N GLU A 62 -6.43 -31.85 3.18
CA GLU A 62 -5.12 -31.79 3.81
C GLU A 62 -4.98 -30.53 4.67
N ILE A 63 -5.22 -30.63 5.97
CA ILE A 63 -5.11 -29.44 6.80
C ILE A 63 -3.68 -29.16 7.25
N THR A 64 -3.19 -27.96 6.94
CA THR A 64 -1.86 -27.52 7.35
C THR A 64 -2.09 -26.66 8.59
N HIS A 65 -1.53 -27.06 9.72
CA HIS A 65 -1.73 -26.31 10.95
C HIS A 65 -0.61 -25.33 11.29
N ILE A 66 -0.86 -24.05 11.05
CA ILE A 66 0.11 -23.00 11.37
C ILE A 66 -0.13 -22.77 12.86
N LYS A 67 0.73 -23.29 13.72
CA LYS A 67 0.52 -23.11 15.14
C LYS A 67 1.14 -21.84 15.74
N ASP A 68 0.62 -21.42 16.89
CA ASP A 68 1.10 -20.24 17.62
C ASP A 68 1.35 -18.98 16.81
N ARG A 69 0.46 -18.67 15.87
CA ARG A 69 0.62 -17.47 15.07
C ARG A 69 -0.73 -16.81 14.92
N ILE A 70 -0.73 -15.59 14.39
CA ILE A 70 -1.98 -14.89 14.13
C ILE A 70 -1.96 -14.73 12.61
N ILE A 71 -2.84 -15.45 11.93
CA ILE A 71 -2.91 -15.40 10.47
C ILE A 71 -3.80 -14.26 9.99
N VAL A 72 -3.22 -13.34 9.22
CA VAL A 72 -3.96 -12.20 8.70
C VAL A 72 -3.80 -12.13 7.19
N PRO A 73 -4.66 -11.37 6.50
CA PRO A 73 -4.56 -11.25 5.05
C PRO A 73 -3.23 -10.62 4.64
N GLY A 74 -2.76 -10.92 3.43
CA GLY A 74 -1.51 -10.36 2.97
C GLY A 74 -1.57 -8.84 2.92
N PHE A 75 -0.51 -8.18 3.39
CA PHE A 75 -0.49 -6.73 3.41
C PHE A 75 -0.45 -6.08 2.03
N ILE A 76 -1.26 -5.03 1.85
CA ILE A 76 -1.32 -4.31 0.59
C ILE A 76 -0.46 -3.06 0.76
N ASP A 77 0.44 -2.83 -0.16
CA ASP A 77 1.34 -1.67 -0.14
C ASP A 77 1.00 -0.88 -1.40
N GLY A 78 0.32 0.24 -1.24
CA GLY A 78 -0.07 1.02 -2.40
C GLY A 78 0.90 2.02 -2.97
N HIS A 79 2.19 1.94 -2.66
CA HIS A 79 3.10 2.93 -3.18
C HIS A 79 4.59 2.63 -2.97
N ILE A 80 5.21 1.86 -3.87
CA ILE A 80 6.65 1.58 -3.77
C ILE A 80 7.29 1.92 -5.10
N HIS A 81 8.60 2.12 -5.07
CA HIS A 81 9.38 2.45 -6.26
C HIS A 81 10.37 1.32 -6.48
N LEU A 82 10.04 0.42 -7.39
CA LEU A 82 10.90 -0.72 -7.71
C LEU A 82 12.39 -0.40 -7.89
N PRO A 83 12.71 0.57 -8.77
CA PRO A 83 14.10 0.94 -9.01
C PRO A 83 14.81 1.64 -7.86
N GLN A 84 14.13 1.83 -6.73
CA GLN A 84 14.76 2.47 -5.59
C GLN A 84 15.11 1.48 -4.48
N THR A 85 14.89 0.20 -4.77
CA THR A 85 15.17 -0.89 -3.84
C THR A 85 16.54 -0.84 -3.18
N ARG A 86 17.54 -0.36 -3.91
CA ARG A 86 18.90 -0.32 -3.41
C ARG A 86 19.34 0.99 -2.77
N VAL A 87 18.52 2.03 -2.89
CA VAL A 87 18.88 3.33 -2.35
C VAL A 87 17.90 3.96 -1.35
N LEU A 88 17.34 3.15 -0.45
CA LEU A 88 16.37 3.65 0.50
C LEU A 88 16.81 4.43 1.75
N GLY A 89 18.03 4.92 1.79
CA GLY A 89 18.43 5.66 2.98
C GLY A 89 19.32 6.81 2.62
N ALA A 90 19.05 7.46 1.49
CA ALA A 90 19.84 8.59 1.03
C ALA A 90 19.85 9.71 2.06
N TYR A 91 21.03 10.23 2.35
CA TYR A 91 21.19 11.28 3.35
C TYR A 91 21.01 12.74 2.92
N GLY A 92 20.53 13.54 3.88
CA GLY A 92 20.39 14.98 3.76
C GLY A 92 19.47 15.83 2.89
N GLU A 93 18.63 15.25 2.04
CA GLU A 93 17.80 16.11 1.20
C GLU A 93 16.29 15.96 1.28
N GLN A 94 15.59 17.05 0.98
CA GLN A 94 14.14 17.03 0.93
C GLN A 94 13.82 16.43 -0.44
N LEU A 95 12.54 16.26 -0.72
CA LEU A 95 12.09 15.68 -1.98
C LEU A 95 12.91 16.01 -3.23
N LEU A 96 12.76 17.24 -3.75
CA LEU A 96 13.43 17.67 -4.98
C LEU A 96 14.94 17.46 -5.13
N PRO A 97 15.77 18.07 -4.27
CA PRO A 97 17.21 17.84 -4.45
C PRO A 97 17.62 16.37 -4.31
N TRP A 98 16.84 15.62 -3.54
CA TRP A 98 17.08 14.20 -3.32
C TRP A 98 16.85 13.38 -4.60
N LEU A 99 15.78 13.69 -5.34
CA LEU A 99 15.51 12.97 -6.60
C LEU A 99 16.70 13.13 -7.51
N GLN A 100 17.17 14.37 -7.65
CA GLN A 100 18.29 14.69 -8.51
C GLN A 100 19.59 14.03 -8.03
N LYS A 101 19.88 14.17 -6.74
CA LYS A 101 21.10 13.62 -6.17
C LYS A 101 21.20 12.11 -5.98
N SER A 102 20.15 11.47 -5.46
CA SER A 102 20.22 10.04 -5.19
C SER A 102 19.35 9.04 -5.94
N ILE A 103 18.23 9.51 -6.49
CA ILE A 103 17.32 8.59 -7.15
C ILE A 103 17.54 8.36 -8.65
N TYR A 104 17.57 9.42 -9.45
CA TYR A 104 17.74 9.27 -10.88
C TYR A 104 19.03 8.52 -11.27
N PRO A 105 20.16 8.85 -10.64
CA PRO A 105 21.37 8.11 -11.04
C PRO A 105 21.27 6.59 -10.84
N GLU A 106 20.36 6.15 -9.98
CA GLU A 106 20.18 4.71 -9.71
C GLU A 106 19.11 4.10 -10.60
N GLU A 107 18.00 4.81 -10.77
CA GLU A 107 16.90 4.34 -11.59
C GLU A 107 17.29 4.18 -13.05
N ILE A 108 18.29 4.93 -13.48
CA ILE A 108 18.74 4.88 -14.86
C ILE A 108 19.42 3.54 -15.17
N LYS A 109 19.91 2.86 -14.14
CA LYS A 109 20.58 1.57 -14.31
C LYS A 109 19.61 0.48 -14.78
N TYR A 110 18.33 0.66 -14.48
CA TYR A 110 17.33 -0.32 -14.87
C TYR A 110 17.06 -0.36 -16.37
N LYS A 111 17.83 0.42 -17.13
CA LYS A 111 17.73 0.45 -18.59
C LYS A 111 18.28 -0.90 -19.03
N ASP A 112 19.32 -1.33 -18.31
CA ASP A 112 20.01 -2.59 -18.52
C ASP A 112 19.12 -3.71 -17.98
N ARG A 113 18.75 -4.66 -18.83
CA ARG A 113 17.86 -5.74 -18.42
C ARG A 113 18.39 -6.68 -17.36
N ASN A 114 19.70 -6.85 -17.28
CA ASN A 114 20.27 -7.74 -16.27
C ASN A 114 20.11 -7.14 -14.88
N TYR A 115 20.42 -5.85 -14.76
CA TYR A 115 20.29 -5.14 -13.50
C TYR A 115 18.82 -5.10 -13.11
N ALA A 116 17.96 -4.81 -14.07
CA ALA A 116 16.54 -4.73 -13.83
C ALA A 116 16.03 -6.06 -13.30
N ARG A 117 16.48 -7.15 -13.90
CA ARG A 117 16.06 -8.49 -13.49
C ARG A 117 16.48 -8.79 -12.05
N GLU A 118 17.68 -8.36 -11.68
CA GLU A 118 18.17 -8.60 -10.33
C GLU A 118 17.43 -7.73 -9.31
N GLY A 119 17.19 -6.47 -9.65
CA GLY A 119 16.48 -5.58 -8.75
C GLY A 119 15.08 -6.12 -8.50
N VAL A 120 14.39 -6.49 -9.58
CA VAL A 120 13.04 -7.03 -9.46
C VAL A 120 13.02 -8.23 -8.53
N LYS A 121 14.06 -9.03 -8.59
CA LYS A 121 14.18 -10.21 -7.76
C LYS A 121 14.30 -9.81 -6.30
N ARG A 122 15.22 -8.90 -6.01
CA ARG A 122 15.45 -8.43 -4.65
C ARG A 122 14.26 -7.62 -4.12
N PHE A 123 13.62 -6.90 -5.02
CA PHE A 123 12.46 -6.09 -4.67
C PHE A 123 11.35 -7.00 -4.14
N LEU A 124 11.00 -8.02 -4.91
CA LEU A 124 9.94 -8.95 -4.52
C LEU A 124 10.32 -9.81 -3.31
N ASP A 125 11.60 -10.14 -3.17
CA ASP A 125 12.01 -10.95 -2.01
C ASP A 125 11.84 -10.10 -0.74
N ALA A 126 12.29 -8.85 -0.79
CA ALA A 126 12.17 -7.96 0.36
C ALA A 126 10.70 -7.78 0.75
N LEU A 127 9.84 -7.66 -0.24
CA LEU A 127 8.41 -7.50 0.01
C LEU A 127 7.78 -8.70 0.69
N LEU A 128 8.18 -9.89 0.27
CA LEU A 128 7.63 -11.12 0.84
C LEU A 128 8.13 -11.35 2.26
N ALA A 129 9.41 -11.09 2.49
CA ALA A 129 10.00 -11.27 3.80
C ALA A 129 9.43 -10.21 4.73
N ALA A 130 8.75 -9.22 4.16
CA ALA A 130 8.18 -8.13 4.93
C ALA A 130 6.68 -8.29 5.18
N GLY A 131 6.05 -9.23 4.51
CA GLY A 131 4.63 -9.44 4.71
C GLY A 131 3.73 -8.90 3.61
N THR A 132 4.33 -8.20 2.64
CA THR A 132 3.58 -7.62 1.53
C THR A 132 3.41 -8.61 0.39
N THR A 133 2.17 -8.89 0.03
CA THR A 133 1.88 -9.81 -1.05
C THR A 133 1.38 -9.10 -2.31
N THR A 134 0.89 -7.88 -2.13
CA THR A 134 0.38 -7.07 -3.25
C THR A 134 0.88 -5.64 -3.13
N CYS A 135 1.28 -5.05 -4.26
CA CYS A 135 1.79 -3.69 -4.25
C CYS A 135 1.55 -2.93 -5.56
N GLN A 136 1.44 -1.61 -5.46
CA GLN A 136 1.27 -0.75 -6.62
C GLN A 136 2.64 -0.11 -6.77
N ALA A 137 3.39 -0.55 -7.78
CA ALA A 137 4.75 -0.07 -7.97
C ALA A 137 5.07 0.92 -9.07
N PHE A 138 5.96 1.84 -8.74
CA PHE A 138 6.45 2.81 -9.70
C PHE A 138 7.71 2.15 -10.26
N THR A 139 8.01 2.42 -11.52
CA THR A 139 9.17 1.84 -12.15
C THR A 139 9.98 2.99 -12.72
N SER A 140 10.87 2.73 -13.66
CA SER A 140 11.62 3.82 -14.26
C SER A 140 10.94 4.20 -15.56
N SER A 141 11.56 5.09 -16.34
CA SER A 141 11.00 5.53 -17.60
C SER A 141 11.26 4.54 -18.73
N SER A 142 12.08 3.52 -18.47
CA SER A 142 12.39 2.49 -19.46
C SER A 142 11.47 1.29 -19.33
N PRO A 143 10.87 0.84 -20.44
CA PRO A 143 9.96 -0.31 -20.39
C PRO A 143 10.59 -1.58 -19.80
N VAL A 144 11.92 -1.69 -19.88
CA VAL A 144 12.65 -2.85 -19.35
C VAL A 144 12.25 -3.20 -17.92
N ALA A 145 12.49 -2.27 -17.01
CA ALA A 145 12.15 -2.47 -15.60
C ALA A 145 10.71 -2.94 -15.42
N THR A 146 9.79 -2.37 -16.17
CA THR A 146 8.39 -2.76 -16.06
C THR A 146 8.15 -4.19 -16.56
N GLU A 147 8.80 -4.56 -17.66
CA GLU A 147 8.63 -5.90 -18.21
C GLU A 147 9.15 -6.93 -17.22
N GLU A 148 10.37 -6.73 -16.72
CA GLU A 148 10.96 -7.66 -15.77
C GLU A 148 10.13 -7.81 -14.50
N LEU A 149 9.46 -6.73 -14.08
CA LEU A 149 8.65 -6.76 -12.86
C LEU A 149 7.39 -7.59 -13.04
N PHE A 150 6.67 -7.36 -14.13
CA PHE A 150 5.45 -8.11 -14.39
C PHE A 150 5.73 -9.59 -14.55
N GLU A 151 6.81 -9.93 -15.24
CA GLU A 151 7.15 -11.31 -15.48
C GLU A 151 7.59 -12.10 -14.24
N GLU A 152 8.37 -11.48 -13.36
CA GLU A 152 8.81 -12.15 -12.15
C GLU A 152 7.61 -12.25 -11.21
N ALA A 153 6.66 -11.34 -11.37
CA ALA A 153 5.47 -11.34 -10.54
C ALA A 153 4.61 -12.52 -10.96
N SER A 154 4.66 -12.85 -12.25
CA SER A 154 3.90 -13.97 -12.78
C SER A 154 4.41 -15.32 -12.24
N ARG A 155 5.74 -15.49 -12.23
CA ARG A 155 6.32 -16.74 -11.75
C ARG A 155 5.91 -17.03 -10.32
N ARG A 156 5.73 -15.97 -9.52
CA ARG A 156 5.33 -16.13 -8.14
C ARG A 156 3.81 -16.01 -8.06
N ASN A 157 3.23 -15.63 -9.18
CA ASN A 157 1.78 -15.44 -9.32
C ASN A 157 1.19 -14.53 -8.25
N MSE A 158 1.74 -13.32 -8.17
CA MSE A 158 1.29 -12.33 -7.22
C MSE A 158 0.49 -11.25 -7.92
O MSE A 158 0.80 -10.90 -9.07
CB MSE A 158 2.49 -11.67 -6.54
CG MSE A 158 3.40 -12.63 -5.82
SE MSE A 158 5.00 -11.71 -5.18
CE MSE A 158 6.08 -11.77 -6.81
N ARG A 159 -0.54 -10.72 -7.25
CA ARG A 159 -1.31 -9.65 -7.85
C ARG A 159 -0.49 -8.39 -7.65
N VAL A 160 -0.25 -7.67 -8.74
CA VAL A 160 0.57 -6.48 -8.69
C VAL A 160 0.09 -5.41 -9.65
N ILE A 161 0.11 -4.15 -9.20
CA ILE A 161 -0.28 -3.01 -10.02
C ILE A 161 1.01 -2.29 -10.40
N ALA A 162 1.24 -2.09 -11.70
CA ALA A 162 2.45 -1.40 -12.12
C ALA A 162 2.32 -0.81 -13.53
N GLY A 163 3.36 -0.10 -13.96
CA GLY A 163 3.31 0.48 -15.29
C GLY A 163 4.50 1.36 -15.60
N LEU A 164 4.64 1.71 -16.87
CA LEU A 164 5.74 2.57 -17.31
C LEU A 164 5.58 3.94 -16.65
N THR A 165 6.58 4.36 -15.89
CA THR A 165 6.54 5.64 -15.19
C THR A 165 7.11 6.77 -16.04
N GLY A 166 6.23 7.48 -16.75
CA GLY A 166 6.67 8.58 -17.60
C GLY A 166 7.16 9.82 -16.87
N ILE A 167 8.26 10.39 -17.35
CA ILE A 167 8.84 11.59 -16.75
C ILE A 167 9.26 12.47 -17.92
N ASP A 168 8.73 13.68 -17.94
CA ASP A 168 8.92 14.65 -19.01
C ASP A 168 9.91 15.80 -18.78
N ARG A 169 9.69 16.55 -17.70
CA ARG A 169 10.52 17.70 -17.34
C ARG A 169 11.26 17.46 -16.02
N ASN A 170 12.08 18.44 -15.65
CA ASN A 170 12.83 18.41 -14.41
C ASN A 170 13.58 17.13 -14.02
N ALA A 171 14.21 16.50 -15.01
CA ALA A 171 14.99 15.28 -14.76
C ALA A 171 16.07 15.17 -15.82
N PRO A 172 17.16 14.43 -15.55
CA PRO A 172 18.23 14.29 -16.54
C PRO A 172 17.71 13.97 -17.94
N ALA A 173 18.42 14.44 -18.96
CA ALA A 173 18.00 14.20 -20.33
C ALA A 173 18.06 12.73 -20.71
N GLU A 174 19.06 12.00 -20.20
CA GLU A 174 19.19 10.58 -20.50
C GLU A 174 18.15 9.74 -19.79
N PHE A 175 17.47 10.34 -18.80
CA PHE A 175 16.44 9.63 -18.06
C PHE A 175 15.02 9.92 -18.52
N ILE A 176 14.75 11.16 -18.96
CA ILE A 176 13.39 11.47 -19.40
C ILE A 176 13.13 10.88 -20.77
N ASP A 177 11.86 10.76 -21.14
CA ASP A 177 11.55 10.22 -22.45
C ASP A 177 10.28 10.85 -23.01
N THR A 178 10.32 11.10 -24.31
CA THR A 178 9.25 11.69 -25.08
C THR A 178 7.82 11.22 -24.78
N PRO A 179 6.86 12.14 -24.82
CA PRO A 179 5.45 11.79 -24.56
C PRO A 179 4.99 10.74 -25.58
N GLU A 180 5.50 10.87 -26.82
CA GLU A 180 5.16 9.94 -27.89
C GLU A 180 5.60 8.52 -27.51
N ASN A 181 6.89 8.34 -27.24
CA ASN A 181 7.42 7.04 -26.85
C ASN A 181 6.68 6.50 -25.62
N PHE A 182 6.38 7.39 -24.69
CA PHE A 182 5.66 6.97 -23.49
C PHE A 182 4.32 6.35 -23.88
N TYR A 183 3.57 7.04 -24.74
CA TYR A 183 2.27 6.53 -25.18
C TYR A 183 2.45 5.22 -25.91
N ARG A 184 3.46 5.17 -26.78
CA ARG A 184 3.75 3.97 -27.56
C ARG A 184 4.04 2.80 -26.63
N ASP A 185 5.06 2.95 -25.78
CA ASP A 185 5.44 1.89 -24.85
C ASP A 185 4.32 1.50 -23.87
N SER A 186 3.65 2.50 -23.29
CA SER A 186 2.57 2.19 -22.35
C SER A 186 1.49 1.37 -23.02
N LYS A 187 1.22 1.71 -24.28
CA LYS A 187 0.20 1.04 -25.08
C LYS A 187 0.60 -0.43 -25.28
N ARG A 188 1.88 -0.65 -25.54
CA ARG A 188 2.40 -1.99 -25.74
C ARG A 188 2.31 -2.79 -24.45
N LEU A 189 2.78 -2.19 -23.37
CA LEU A 189 2.79 -2.85 -22.07
C LEU A 189 1.39 -3.19 -21.58
N ILE A 190 0.41 -2.34 -21.88
CA ILE A 190 -0.97 -2.60 -21.47
C ILE A 190 -1.45 -3.84 -22.21
N ALA A 191 -1.00 -3.96 -23.46
CA ALA A 191 -1.37 -5.09 -24.30
C ALA A 191 -0.84 -6.38 -23.70
N GLN A 192 0.47 -6.44 -23.53
CA GLN A 192 1.13 -7.62 -22.98
C GLN A 192 0.81 -8.01 -21.55
N TYR A 193 0.54 -7.04 -20.67
CA TYR A 193 0.33 -7.37 -19.28
C TYR A 193 -0.99 -7.12 -18.58
N HIS A 194 -1.64 -6.00 -18.88
CA HIS A 194 -2.88 -5.73 -18.18
C HIS A 194 -3.91 -6.86 -18.16
N ASP A 195 -4.31 -7.24 -16.95
CA ASP A 195 -5.31 -8.28 -16.72
C ASP A 195 -4.96 -9.66 -17.27
N LYS A 196 -3.66 -9.95 -17.32
CA LYS A 196 -3.19 -11.26 -17.76
C LYS A 196 -2.72 -11.88 -16.44
N GLY A 197 -3.39 -12.93 -15.99
CA GLY A 197 -3.01 -13.52 -14.73
C GLY A 197 -3.45 -12.54 -13.66
N ARG A 198 -2.61 -12.31 -12.65
CA ARG A 198 -2.97 -11.36 -11.60
C ARG A 198 -2.34 -9.98 -11.82
N ASN A 199 -1.75 -9.76 -12.99
CA ASN A 199 -1.13 -8.46 -13.31
C ASN A 199 -2.15 -7.39 -13.70
N LEU A 200 -2.00 -6.19 -13.14
CA LEU A 200 -2.89 -5.06 -13.43
C LEU A 200 -2.02 -3.88 -13.81
N TYR A 201 -2.39 -3.17 -14.88
CA TYR A 201 -1.60 -2.04 -15.36
C TYR A 201 -2.08 -0.66 -14.89
N ALA A 202 -1.14 0.22 -14.58
CA ALA A 202 -1.48 1.56 -14.13
C ALA A 202 -0.79 2.62 -14.97
N ILE A 203 -1.57 3.48 -15.61
CA ILE A 203 -1.03 4.57 -16.41
C ILE A 203 -0.23 5.34 -15.38
N THR A 204 1.04 5.59 -15.63
CA THR A 204 1.82 6.26 -14.60
C THR A 204 2.61 7.52 -14.88
N PRO A 205 1.96 8.69 -14.78
CA PRO A 205 2.68 9.93 -14.99
C PRO A 205 3.31 10.16 -13.61
N ARG A 206 4.63 10.03 -13.52
CA ARG A 206 5.31 10.16 -12.24
C ARG A 206 4.73 11.23 -11.32
N PHE A 207 4.77 12.49 -11.76
CA PHE A 207 4.20 13.57 -10.97
C PHE A 207 4.16 14.86 -11.77
N ALA A 208 3.10 15.64 -11.58
CA ALA A 208 2.88 16.89 -12.30
C ALA A 208 4.15 17.70 -12.51
N PHE A 209 4.92 17.86 -11.45
CA PHE A 209 6.15 18.64 -11.56
C PHE A 209 7.08 18.16 -12.67
N GLY A 210 7.03 16.86 -12.98
CA GLY A 210 7.88 16.32 -14.02
C GLY A 210 7.09 15.83 -15.22
N ALA A 211 5.91 16.41 -15.44
CA ALA A 211 5.06 16.03 -16.56
C ALA A 211 4.51 17.20 -17.38
N SER A 212 5.01 17.34 -18.60
CA SER A 212 4.55 18.42 -19.48
C SER A 212 3.09 18.14 -19.81
N PRO A 213 2.33 19.18 -20.19
CA PRO A 213 0.92 18.94 -20.51
C PRO A 213 0.74 17.94 -21.65
N GLU A 214 1.78 17.68 -22.44
CA GLU A 214 1.65 16.69 -23.52
C GLU A 214 1.66 15.29 -22.90
N LEU A 215 2.59 15.06 -21.98
CA LEU A 215 2.71 13.78 -21.30
C LEU A 215 1.41 13.46 -20.56
N LEU A 216 0.83 14.45 -19.90
CA LEU A 216 -0.41 14.22 -19.17
C LEU A 216 -1.56 14.04 -20.15
N LYS A 217 -1.45 14.67 -21.32
CA LYS A 217 -2.50 14.54 -22.33
C LYS A 217 -2.44 13.11 -22.87
N ALA A 218 -1.22 12.56 -22.90
CA ALA A 218 -1.00 11.20 -23.36
C ALA A 218 -1.64 10.22 -22.38
N CYS A 219 -1.46 10.48 -21.08
CA CYS A 219 -2.03 9.63 -20.04
C CYS A 219 -3.54 9.67 -20.17
N GLN A 220 -4.05 10.84 -20.52
CA GLN A 220 -5.48 11.03 -20.69
C GLN A 220 -5.94 10.10 -21.81
N ARG A 221 -5.24 10.15 -22.95
CA ARG A 221 -5.58 9.30 -24.08
C ARG A 221 -5.54 7.83 -23.68
N LEU A 222 -4.46 7.43 -23.02
CA LEU A 222 -4.32 6.05 -22.58
C LEU A 222 -5.50 5.61 -21.72
N LYS A 223 -5.84 6.44 -20.75
CA LYS A 223 -6.94 6.12 -19.85
C LYS A 223 -8.27 6.03 -20.61
N HIS A 224 -8.36 6.79 -21.69
CA HIS A 224 -9.59 6.79 -22.50
C HIS A 224 -9.74 5.52 -23.36
N GLU A 225 -8.62 5.06 -23.89
CA GLU A 225 -8.61 3.87 -24.74
C GLU A 225 -8.53 2.59 -23.90
N HIS A 226 -8.30 2.76 -22.59
CA HIS A 226 -8.18 1.62 -21.69
C HIS A 226 -8.82 1.94 -20.34
N PRO A 227 -10.14 2.17 -20.34
CA PRO A 227 -10.89 2.50 -19.13
C PRO A 227 -10.65 1.59 -17.92
N ASP A 228 -10.26 0.35 -18.16
CA ASP A 228 -10.05 -0.59 -17.06
C ASP A 228 -8.72 -0.38 -16.33
N CYS A 229 -7.79 0.32 -16.97
CA CYS A 229 -6.49 0.57 -16.37
C CYS A 229 -6.52 1.55 -15.20
N TRP A 230 -5.59 1.35 -14.27
CA TRP A 230 -5.44 2.21 -13.10
C TRP A 230 -4.60 3.43 -13.48
N VAL A 231 -4.59 4.42 -12.60
CA VAL A 231 -3.79 5.64 -12.78
C VAL A 231 -3.05 5.81 -11.45
N ASN A 232 -1.72 5.90 -11.53
CA ASN A 232 -0.89 6.00 -10.32
C ASN A 232 0.05 7.18 -10.43
N THR A 233 0.06 8.04 -9.41
CA THR A 233 0.94 9.22 -9.42
C THR A 233 1.22 9.79 -8.02
N HIS A 234 1.82 10.98 -7.98
CA HIS A 234 2.12 11.67 -6.72
C HIS A 234 1.39 13.00 -6.69
N ILE A 235 1.02 13.44 -5.50
CA ILE A 235 0.29 14.69 -5.37
C ILE A 235 0.54 15.39 -4.04
N SER A 236 0.88 16.68 -4.10
CA SER A 236 1.10 17.50 -2.91
C SER A 236 1.99 16.93 -1.82
N GLU A 237 3.18 16.45 -2.17
CA GLU A 237 4.05 15.87 -1.16
C GLU A 237 5.01 16.81 -0.45
N ASN A 238 5.52 17.81 -1.17
CA ASN A 238 6.48 18.75 -0.62
C ASN A 238 6.08 20.20 -0.94
N PRO A 239 6.38 21.16 -0.05
CA PRO A 239 6.02 22.55 -0.32
C PRO A 239 6.70 23.08 -1.60
N ALA A 240 8.02 22.92 -1.68
CA ALA A 240 8.74 23.39 -2.86
C ALA A 240 8.16 22.72 -4.12
N GLU A 241 7.81 21.44 -4.01
CA GLU A 241 7.24 20.69 -5.13
C GLU A 241 5.89 21.30 -5.52
N CYS A 242 5.09 21.66 -4.52
CA CYS A 242 3.78 22.23 -4.78
C CYS A 242 3.87 23.58 -5.50
N SER A 243 4.84 24.39 -5.08
CA SER A 243 5.06 25.70 -5.70
C SER A 243 5.46 25.51 -7.17
N GLY A 244 6.46 24.67 -7.41
CA GLY A 244 6.92 24.40 -8.76
C GLY A 244 5.82 23.94 -9.70
N VAL A 245 4.98 23.02 -9.21
CA VAL A 245 3.87 22.48 -9.99
C VAL A 245 2.92 23.57 -10.52
N LEU A 246 2.57 24.52 -9.64
CA LEU A 246 1.68 25.60 -10.05
C LEU A 246 2.40 26.55 -10.98
N VAL A 247 3.72 26.43 -11.02
CA VAL A 247 4.53 27.25 -11.91
C VAL A 247 4.58 26.52 -13.25
N GLU A 248 4.91 25.24 -13.22
CA GLU A 248 5.00 24.41 -14.44
C GLU A 248 3.60 24.26 -15.09
N HIS A 249 2.56 24.54 -14.30
CA HIS A 249 1.17 24.45 -14.77
C HIS A 249 0.44 25.69 -14.28
N PRO A 250 0.73 26.84 -14.91
CA PRO A 250 0.18 28.17 -14.63
C PRO A 250 -1.33 28.27 -14.78
N ASP A 251 -1.91 27.37 -15.56
CA ASP A 251 -3.34 27.41 -15.80
C ASP A 251 -4.18 26.54 -14.86
N CYS A 252 -3.60 26.14 -13.73
CA CYS A 252 -4.34 25.31 -12.77
C CYS A 252 -4.29 25.89 -11.35
N GLN A 253 -5.40 25.75 -10.62
CA GLN A 253 -5.54 26.30 -9.27
C GLN A 253 -4.84 25.52 -8.15
N ASP A 254 -5.01 24.21 -8.15
CA ASP A 254 -4.38 23.36 -7.13
C ASP A 254 -3.75 22.12 -7.74
N TYR A 255 -2.88 21.45 -6.99
CA TYR A 255 -2.21 20.27 -7.50
C TYR A 255 -3.19 19.24 -8.07
N LEU A 256 -4.27 18.97 -7.36
CA LEU A 256 -5.27 18.02 -7.84
C LEU A 256 -5.89 18.53 -9.14
N GLY A 257 -5.96 19.85 -9.27
CA GLY A 257 -6.55 20.45 -10.47
C GLY A 257 -5.81 20.09 -11.74
N VAL A 258 -4.50 19.92 -11.63
CA VAL A 258 -3.69 19.57 -12.79
C VAL A 258 -4.13 18.23 -13.38
N TYR A 259 -4.36 17.25 -12.51
CA TYR A 259 -4.78 15.92 -12.95
C TYR A 259 -6.23 15.87 -13.42
N GLU A 260 -7.08 16.74 -12.87
CA GLU A 260 -8.49 16.75 -13.27
C GLU A 260 -8.60 17.35 -14.68
N LYS A 261 -7.71 18.28 -15.00
CA LYS A 261 -7.70 18.91 -16.30
C LYS A 261 -7.60 17.85 -17.39
N PHE A 262 -7.10 16.68 -17.01
CA PHE A 262 -6.93 15.61 -17.97
C PHE A 262 -7.73 14.34 -17.66
N ASP A 263 -8.81 14.50 -16.89
CA ASP A 263 -9.68 13.37 -16.52
C ASP A 263 -9.00 12.17 -15.88
N LEU A 264 -7.88 12.40 -15.19
CA LEU A 264 -7.17 11.32 -14.54
C LEU A 264 -7.79 10.99 -13.17
N VAL A 265 -8.40 11.97 -12.53
CA VAL A 265 -8.99 11.75 -11.21
C VAL A 265 -10.35 11.07 -11.25
N GLY A 266 -10.45 9.96 -10.53
CA GLY A 266 -11.69 9.19 -10.47
C GLY A 266 -11.34 7.81 -9.94
N PRO A 267 -12.21 6.80 -10.11
CA PRO A 267 -11.91 5.46 -9.60
C PRO A 267 -10.58 4.92 -10.13
N LYS A 268 -9.87 4.19 -9.27
CA LYS A 268 -8.59 3.59 -9.64
C LYS A 268 -7.44 4.59 -9.76
N PHE A 269 -7.65 5.79 -9.26
CA PHE A 269 -6.61 6.81 -9.26
C PHE A 269 -5.98 6.83 -7.88
N SER A 270 -4.65 6.87 -7.82
CA SER A 270 -3.99 6.91 -6.53
C SER A 270 -3.00 8.06 -6.52
N GLY A 271 -3.18 8.98 -5.57
CA GLY A 271 -2.28 10.11 -5.46
C GLY A 271 -1.44 9.94 -4.20
N GLY A 272 -0.15 9.68 -4.37
CA GLY A 272 0.70 9.48 -3.21
C GLY A 272 1.00 10.70 -2.36
N HIS A 273 1.04 10.50 -1.04
CA HIS A 273 1.35 11.58 -0.09
C HIS A 273 0.33 12.71 -0.06
N GLY A 274 -0.69 12.63 0.78
CA GLY A 274 -1.64 13.73 0.81
C GLY A 274 -0.93 15.00 1.23
N VAL A 275 -0.25 14.93 2.36
CA VAL A 275 0.50 16.02 2.98
C VAL A 275 0.09 17.49 2.79
N TYR A 276 0.02 17.97 1.55
CA TYR A 276 -0.36 19.36 1.34
C TYR A 276 -1.66 19.61 0.59
N LEU A 277 -2.60 18.67 0.69
CA LEU A 277 -3.89 18.79 0.03
C LEU A 277 -4.82 19.63 0.89
N SER A 278 -5.66 20.43 0.24
CA SER A 278 -6.63 21.29 0.95
C SER A 278 -7.87 20.46 1.25
N ASN A 279 -8.74 20.96 2.13
CA ASN A 279 -9.97 20.24 2.44
C ASN A 279 -10.82 20.15 1.19
N ASN A 280 -10.71 21.15 0.33
CA ASN A 280 -11.44 21.17 -0.91
C ASN A 280 -10.96 20.02 -1.79
N GLU A 281 -9.63 19.86 -1.88
CA GLU A 281 -9.07 18.79 -2.68
C GLU A 281 -9.51 17.43 -2.12
N PHE A 282 -9.55 17.30 -0.81
CA PHE A 282 -9.98 16.04 -0.21
C PHE A 282 -11.44 15.79 -0.61
N ARG A 283 -12.28 16.79 -0.43
CA ARG A 283 -13.69 16.64 -0.77
C ARG A 283 -13.89 16.25 -2.23
N ARG A 284 -13.12 16.83 -3.13
CA ARG A 284 -13.25 16.52 -4.55
C ARG A 284 -12.91 15.06 -4.82
N MSE A 285 -11.83 14.58 -4.24
CA MSE A 285 -11.43 13.18 -4.43
C MSE A 285 -12.51 12.26 -3.88
O MSE A 285 -12.92 11.30 -4.53
CB MSE A 285 -10.10 12.91 -3.73
CG MSE A 285 -8.97 13.75 -4.28
SE MSE A 285 -7.28 13.41 -3.35
CE MSE A 285 -6.84 11.71 -4.21
N SER A 286 -12.98 12.56 -2.67
CA SER A 286 -14.02 11.76 -2.05
C SER A 286 -15.21 11.64 -3.01
N LYS A 287 -15.57 12.76 -3.62
CA LYS A 287 -16.68 12.82 -4.57
C LYS A 287 -16.44 12.00 -5.84
N LYS A 288 -15.28 12.18 -6.46
CA LYS A 288 -14.97 11.45 -7.70
C LYS A 288 -14.54 9.99 -7.46
N GLY A 289 -14.27 9.64 -6.21
CA GLY A 289 -13.87 8.28 -5.90
C GLY A 289 -12.39 8.00 -6.01
N ALA A 290 -11.58 9.05 -6.11
CA ALA A 290 -10.13 8.89 -6.22
C ALA A 290 -9.57 8.55 -4.83
N ALA A 291 -8.37 7.98 -4.79
CA ALA A 291 -7.77 7.61 -3.52
C ALA A 291 -6.42 8.24 -3.27
N VAL A 292 -6.08 8.39 -1.99
CA VAL A 292 -4.79 8.97 -1.61
C VAL A 292 -4.00 7.87 -0.90
N VAL A 293 -2.68 7.91 -1.01
CA VAL A 293 -1.84 6.91 -0.37
C VAL A 293 -0.97 7.56 0.69
N PHE A 294 -1.25 7.21 1.95
CA PHE A 294 -0.55 7.73 3.12
C PHE A 294 0.78 7.00 3.34
N CYS A 295 1.89 7.70 3.08
CA CYS A 295 3.22 7.11 3.23
C CYS A 295 4.00 7.81 4.34
N PRO A 296 3.66 7.54 5.60
CA PRO A 296 4.32 8.14 6.77
C PRO A 296 5.83 8.03 6.89
N CYS A 297 6.40 6.86 6.61
CA CYS A 297 7.86 6.71 6.72
C CYS A 297 8.58 7.66 5.81
N SER A 298 8.07 7.81 4.60
CA SER A 298 8.64 8.69 3.59
C SER A 298 8.42 10.15 4.00
N ASN A 299 7.19 10.48 4.37
CA ASN A 299 6.85 11.83 4.78
C ASN A 299 7.78 12.34 5.86
N LEU A 300 8.13 11.48 6.82
CA LEU A 300 9.03 11.86 7.91
C LEU A 300 10.50 11.84 7.48
N PHE A 301 10.91 10.85 6.71
CA PHE A 301 12.29 10.76 6.27
C PHE A 301 12.71 11.95 5.39
N LEU A 302 11.84 12.36 4.47
CA LEU A 302 12.15 13.47 3.58
C LEU A 302 11.74 14.83 4.14
N GLY A 303 11.12 14.83 5.32
CA GLY A 303 10.71 16.08 5.93
C GLY A 303 9.44 16.67 5.37
N SER A 304 8.77 15.92 4.50
CA SER A 304 7.54 16.37 3.87
C SER A 304 6.56 16.94 4.86
N GLY A 305 6.32 16.21 5.95
CA GLY A 305 5.40 16.69 6.97
C GLY A 305 4.45 15.65 7.52
N LEU A 306 3.36 16.12 8.13
CA LEU A 306 2.37 15.24 8.72
C LEU A 306 1.07 15.16 7.93
N PHE A 307 0.84 14.01 7.31
CA PHE A 307 -0.37 13.78 6.54
C PHE A 307 -1.56 13.91 7.48
N ARG A 308 -2.58 14.65 7.05
CA ARG A 308 -3.77 14.86 7.88
C ARG A 308 -4.72 13.67 7.82
N LEU A 309 -4.34 12.62 8.53
CA LEU A 309 -5.11 11.39 8.57
C LEU A 309 -6.56 11.61 9.02
N GLY A 310 -6.75 12.46 10.03
CA GLY A 310 -8.09 12.74 10.52
C GLY A 310 -9.02 13.40 9.52
N ARG A 311 -8.45 14.10 8.54
CA ARG A 311 -9.26 14.80 7.54
C ARG A 311 -9.70 13.85 6.43
N ALA A 312 -8.78 12.99 5.99
CA ALA A 312 -9.09 12.03 4.93
C ALA A 312 -10.14 11.02 5.39
N THR A 313 -10.22 10.78 6.69
CA THR A 313 -11.18 9.84 7.25
C THR A 313 -12.48 10.49 7.71
N ASP A 314 -12.65 11.76 7.34
CA ASP A 314 -13.86 12.50 7.69
C ASP A 314 -15.07 11.78 7.12
N PRO A 315 -15.97 11.29 7.98
CA PRO A 315 -17.17 10.57 7.50
C PRO A 315 -18.11 11.34 6.55
N GLU A 316 -18.06 12.67 6.57
CA GLU A 316 -18.92 13.46 5.68
C GLU A 316 -18.31 13.53 4.29
N HIS A 317 -16.99 13.33 4.20
CA HIS A 317 -16.29 13.38 2.94
C HIS A 317 -15.14 12.37 2.95
N ARG A 318 -15.48 11.13 3.28
CA ARG A 318 -14.52 10.04 3.37
C ARG A 318 -13.74 9.85 2.06
N VAL A 319 -12.43 9.82 2.18
CA VAL A 319 -11.53 9.64 1.05
C VAL A 319 -10.98 8.22 1.09
N LYS A 320 -10.96 7.55 -0.07
CA LYS A 320 -10.44 6.19 -0.15
C LYS A 320 -8.92 6.21 0.00
N MSE A 321 -8.39 5.26 0.76
CA MSE A 321 -6.96 5.19 1.01
C MSE A 321 -6.33 3.80 0.97
O MSE A 321 -7.00 2.78 0.96
CB MSE A 321 -6.63 5.74 2.40
CG MSE A 321 -6.55 7.23 2.54
SE MSE A 321 -5.84 7.59 4.32
CE MSE A 321 -7.42 7.20 5.39
N SER A 322 -5.00 3.83 1.00
CA SER A 322 -4.18 2.64 1.04
C SER A 322 -2.91 3.20 1.65
N PHE A 323 -2.28 2.48 2.58
CA PHE A 323 -1.06 2.99 3.18
C PHE A 323 0.10 2.64 2.27
N GLY A 324 1.23 3.32 2.42
CA GLY A 324 2.36 3.02 1.57
C GLY A 324 3.71 3.12 2.22
N THR A 325 4.66 2.31 1.76
CA THR A 325 6.01 2.32 2.30
C THR A 325 6.76 3.44 1.61
N ASP A 326 6.65 3.45 0.29
CA ASP A 326 7.30 4.43 -0.56
C ASP A 326 8.81 4.23 -0.52
N VAL A 327 9.24 2.98 -0.61
CA VAL A 327 10.67 2.69 -0.57
C VAL A 327 11.46 3.59 -1.51
N GLY A 328 12.46 4.21 -0.91
CA GLY A 328 13.31 5.15 -1.58
C GLY A 328 13.10 6.29 -0.61
N GLY A 329 11.94 6.94 -0.73
CA GLY A 329 11.60 8.03 0.14
C GLY A 329 11.51 7.49 1.55
N GLY A 330 10.82 6.35 1.70
CA GLY A 330 10.69 5.72 3.00
C GLY A 330 11.85 4.77 3.21
N ASN A 331 12.19 4.49 4.47
CA ASN A 331 13.32 3.62 4.75
C ASN A 331 12.99 2.21 5.20
N ARG A 332 11.73 1.82 5.07
CA ARG A 332 11.29 0.48 5.50
C ARG A 332 10.46 -0.22 4.43
N PHE A 333 10.70 -1.51 4.24
CA PHE A 333 9.97 -2.30 3.25
C PHE A 333 8.69 -2.90 3.81
N SER A 334 8.60 -3.02 5.12
CA SER A 334 7.43 -3.63 5.74
C SER A 334 6.28 -2.69 6.10
N MSE A 335 5.05 -3.15 5.88
CA MSE A 335 3.87 -2.36 6.22
C MSE A 335 3.74 -2.27 7.74
O MSE A 335 3.03 -1.41 8.25
CB MSE A 335 2.61 -3.00 5.63
CG MSE A 335 2.55 -2.95 4.12
SE MSE A 335 2.88 -1.15 3.45
CE MSE A 335 1.26 -0.28 4.10
N ILE A 336 4.42 -3.15 8.45
CA ILE A 336 4.39 -3.14 9.90
C ILE A 336 5.18 -1.91 10.36
N SER A 337 6.28 -1.63 9.68
CA SER A 337 7.12 -0.48 10.01
C SER A 337 6.40 0.80 9.61
N VAL A 338 5.60 0.71 8.55
CA VAL A 338 4.83 1.85 8.08
C VAL A 338 3.78 2.22 9.11
N LEU A 339 3.17 1.21 9.74
CA LEU A 339 2.15 1.44 10.75
C LEU A 339 2.75 2.10 11.98
N ASP A 340 4.01 1.81 12.27
CA ASP A 340 4.70 2.40 13.41
C ASP A 340 4.76 3.92 13.24
N ASP A 341 5.23 4.37 12.08
CA ASP A 341 5.31 5.80 11.81
C ASP A 341 3.92 6.39 11.56
N ALA A 342 2.99 5.58 11.05
CA ALA A 342 1.64 6.05 10.78
C ALA A 342 0.97 6.48 12.09
N TYR A 343 1.14 5.66 13.12
CA TYR A 343 0.58 5.95 14.44
C TYR A 343 1.24 7.22 14.99
N LYS A 344 2.55 7.34 14.84
CA LYS A 344 3.27 8.50 15.33
C LYS A 344 2.79 9.80 14.69
N VAL A 345 2.58 9.78 13.38
CA VAL A 345 2.09 10.98 12.68
C VAL A 345 0.70 11.34 13.21
N GLY A 346 -0.15 10.33 13.38
CA GLY A 346 -1.50 10.56 13.88
C GLY A 346 -1.55 11.07 15.30
N MSE A 347 -0.62 10.66 16.16
CA MSE A 347 -0.63 11.12 17.54
C MSE A 347 -0.14 12.56 17.60
O MSE A 347 -0.60 13.33 18.45
CB MSE A 347 0.23 10.23 18.42
CG MSE A 347 -0.44 8.92 18.83
SE MSE A 347 -2.25 9.13 19.60
CE MSE A 347 -1.81 10.30 21.11
N CYS A 348 0.78 12.93 16.72
CA CYS A 348 1.26 14.29 16.70
C CYS A 348 0.10 15.17 16.25
N ASN A 349 -0.75 14.63 15.37
CA ASN A 349 -1.92 15.35 14.87
C ASN A 349 -2.96 15.52 15.99
N ASN A 350 -3.07 14.52 16.85
CA ASN A 350 -4.02 14.56 17.96
C ASN A 350 -3.72 15.75 18.87
N THR A 351 -2.43 16.03 19.08
CA THR A 351 -2.01 17.12 19.93
C THR A 351 -2.28 18.46 19.27
N LEU A 352 -2.24 18.51 17.95
CA LEU A 352 -2.49 19.75 17.22
C LEU A 352 -3.98 20.10 17.12
N LEU A 353 -4.85 19.09 17.31
CA LEU A 353 -6.28 19.28 17.20
C LEU A 353 -7.08 19.21 18.49
N ASP A 354 -6.43 19.17 19.64
CA ASP A 354 -7.18 19.09 20.89
C ASP A 354 -7.32 20.41 21.65
N GLY A 355 -6.77 21.47 21.09
CA GLY A 355 -6.86 22.78 21.72
C GLY A 355 -5.86 23.04 22.84
N SER A 356 -5.02 22.07 23.16
CA SER A 356 -4.04 22.27 24.23
C SER A 356 -3.06 23.37 23.84
N ILE A 357 -2.96 23.66 22.54
CA ILE A 357 -2.06 24.71 22.08
C ILE A 357 -2.92 25.87 21.57
N ASP A 358 -3.46 25.75 20.36
CA ASP A 358 -4.31 26.81 19.79
C ASP A 358 -5.79 26.37 19.79
N PRO A 359 -6.58 26.87 20.75
CA PRO A 359 -7.99 26.49 20.84
C PRO A 359 -8.88 26.76 19.64
N SER A 360 -8.47 27.67 18.76
CA SER A 360 -9.30 27.96 17.60
C SER A 360 -9.16 26.88 16.54
N ARG A 361 -8.10 26.07 16.64
CA ARG A 361 -7.87 25.00 15.68
C ARG A 361 -8.34 23.65 16.18
N LYS A 362 -8.96 23.66 17.37
CA LYS A 362 -9.47 22.44 18.00
C LYS A 362 -10.57 21.74 17.21
N ASP A 363 -10.60 20.41 17.35
CA ASP A 363 -11.59 19.57 16.69
C ASP A 363 -11.37 18.16 17.20
N LEU A 364 -12.11 17.79 18.25
CA LEU A 364 -11.98 16.48 18.87
C LEU A 364 -12.41 15.31 18.02
N ALA A 365 -13.40 15.49 17.16
CA ALA A 365 -13.81 14.40 16.30
C ALA A 365 -12.63 14.01 15.41
N GLU A 366 -11.96 15.00 14.83
CA GLU A 366 -10.82 14.73 13.96
C GLU A 366 -9.63 14.27 14.79
N ALA A 367 -9.45 14.85 15.97
CA ALA A 367 -8.33 14.44 16.82
C ALA A 367 -8.48 12.96 17.15
N GLU A 368 -9.71 12.50 17.37
CA GLU A 368 -9.97 11.10 17.69
C GLU A 368 -9.64 10.21 16.49
N ARG A 369 -10.02 10.64 15.30
CA ARG A 369 -9.76 9.88 14.08
C ARG A 369 -8.27 9.73 13.74
N ASN A 370 -7.40 10.41 14.48
CA ASN A 370 -5.97 10.32 14.20
C ASN A 370 -5.30 9.22 15.00
N LYS A 371 -6.03 8.63 15.94
CA LYS A 371 -5.48 7.55 16.75
C LYS A 371 -5.53 6.27 15.95
N LEU A 372 -4.37 5.73 15.58
CA LEU A 372 -4.34 4.51 14.79
C LEU A 372 -4.38 3.26 15.66
N SER A 373 -5.58 2.78 15.92
CA SER A 373 -5.75 1.58 16.75
C SER A 373 -5.28 0.37 15.96
N PRO A 374 -5.11 -0.78 16.64
CA PRO A 374 -4.68 -1.96 15.90
C PRO A 374 -5.76 -2.33 14.89
N TYR A 375 -7.00 -1.94 15.17
CA TYR A 375 -8.12 -2.20 14.28
C TYR A 375 -8.02 -1.36 13.01
N ARG A 376 -7.80 -0.06 13.20
CA ARG A 376 -7.68 0.87 12.09
C ARG A 376 -6.41 0.64 11.27
N GLY A 377 -5.30 0.40 11.96
CA GLY A 377 -4.04 0.17 11.29
C GLY A 377 -4.01 -1.06 10.42
N PHE A 378 -4.48 -2.18 10.96
CA PHE A 378 -4.50 -3.43 10.22
C PHE A 378 -5.58 -3.54 9.17
N TRP A 379 -6.63 -2.73 9.31
CA TRP A 379 -7.69 -2.72 8.32
C TRP A 379 -7.09 -1.96 7.14
N SER A 380 -6.32 -0.91 7.43
CA SER A 380 -5.69 -0.07 6.41
C SER A 380 -4.67 -0.77 5.53
N VAL A 381 -3.96 -1.76 6.08
CA VAL A 381 -2.97 -2.48 5.29
C VAL A 381 -3.55 -3.75 4.65
N THR A 382 -4.85 -3.94 4.82
CA THR A 382 -5.53 -5.09 4.23
C THR A 382 -6.83 -4.68 3.54
N LEU A 383 -7.98 -5.01 4.14
CA LEU A 383 -9.27 -4.67 3.53
C LEU A 383 -9.37 -3.22 3.06
N GLY A 384 -8.93 -2.30 3.91
CA GLY A 384 -8.98 -0.89 3.59
C GLY A 384 -8.11 -0.56 2.39
N GLY A 385 -6.92 -1.15 2.35
CA GLY A 385 -6.03 -0.90 1.25
C GLY A 385 -6.57 -1.50 -0.03
N ALA A 386 -7.29 -2.61 0.10
CA ALA A 386 -7.87 -3.29 -1.06
C ALA A 386 -8.95 -2.42 -1.68
N GLU A 387 -9.82 -1.85 -0.85
CA GLU A 387 -10.89 -0.98 -1.35
C GLU A 387 -10.31 0.30 -1.94
N GLY A 388 -9.22 0.78 -1.35
CA GLY A 388 -8.57 2.00 -1.81
C GLY A 388 -7.92 1.81 -3.18
N LEU A 389 -7.55 0.57 -3.49
CA LEU A 389 -6.93 0.23 -4.76
C LEU A 389 -7.95 -0.42 -5.70
N TYR A 390 -9.19 -0.51 -5.24
CA TYR A 390 -10.26 -1.10 -6.05
C TYR A 390 -9.97 -2.53 -6.46
N ILE A 391 -9.48 -3.33 -5.52
CA ILE A 391 -9.19 -4.74 -5.78
C ILE A 391 -9.76 -5.52 -4.61
N ASP A 392 -10.75 -4.93 -3.94
CA ASP A 392 -11.37 -5.56 -2.79
C ASP A 392 -12.29 -6.71 -3.19
N ASP A 393 -12.49 -6.89 -4.49
CA ASP A 393 -13.31 -8.00 -4.95
C ASP A 393 -12.42 -9.24 -4.96
N LYS A 394 -11.11 -9.03 -5.15
CA LYS A 394 -10.15 -10.13 -5.17
C LYS A 394 -9.39 -10.32 -3.85
N LEU A 395 -9.10 -9.23 -3.13
CA LEU A 395 -8.35 -9.33 -1.88
C LEU A 395 -8.95 -8.51 -0.74
N GLY A 396 -8.30 -8.54 0.42
CA GLY A 396 -8.79 -7.76 1.53
C GLY A 396 -9.09 -8.51 2.80
N ASN A 397 -9.68 -9.69 2.66
CA ASN A 397 -10.01 -10.52 3.80
C ASN A 397 -10.21 -11.97 3.37
N PHE A 398 -10.52 -12.82 4.33
CA PHE A 398 -10.72 -14.23 4.07
C PHE A 398 -12.11 -14.65 3.59
N GLU A 399 -12.80 -13.77 2.88
CA GLU A 399 -14.12 -14.11 2.38
C GLU A 399 -14.01 -15.07 1.20
N PRO A 400 -14.84 -16.11 1.18
CA PRO A 400 -14.84 -17.10 0.09
C PRO A 400 -14.91 -16.43 -1.28
N GLY A 401 -14.07 -16.88 -2.20
CA GLY A 401 -14.06 -16.30 -3.53
C GLY A 401 -12.88 -15.38 -3.76
N LYS A 402 -12.22 -14.99 -2.68
CA LYS A 402 -11.07 -14.11 -2.77
C LYS A 402 -9.80 -14.92 -2.91
N GLU A 403 -8.75 -14.28 -3.41
CA GLU A 403 -7.48 -14.94 -3.60
C GLU A 403 -6.83 -15.14 -2.22
N ALA A 404 -6.22 -16.30 -2.02
CA ALA A 404 -5.63 -16.64 -0.74
C ALA A 404 -4.20 -16.18 -0.47
N ASP A 405 -4.02 -14.88 -0.23
CA ASP A 405 -2.70 -14.36 0.10
C ASP A 405 -2.77 -14.12 1.60
N PHE A 406 -1.80 -14.59 2.36
CA PHE A 406 -1.86 -14.37 3.80
C PHE A 406 -0.52 -14.43 4.49
N VAL A 407 -0.49 -13.96 5.73
CA VAL A 407 0.73 -13.92 6.51
C VAL A 407 0.54 -14.50 7.89
N ALA A 408 1.51 -15.27 8.35
CA ALA A 408 1.45 -15.84 9.68
C ALA A 408 2.35 -14.97 10.55
N LEU A 409 1.73 -14.21 11.45
CA LEU A 409 2.46 -13.32 12.35
C LEU A 409 2.83 -13.99 13.65
N ASP A 410 4.05 -13.75 14.10
CA ASP A 410 4.51 -14.30 15.37
C ASP A 410 4.52 -13.11 16.32
N PRO A 411 3.47 -12.98 17.13
CA PRO A 411 3.38 -11.85 18.07
C PRO A 411 4.58 -11.66 18.99
N ASN A 412 5.45 -12.66 19.10
CA ASN A 412 6.61 -12.55 19.96
C ASN A 412 7.87 -12.07 19.25
N GLY A 413 7.77 -11.88 17.93
CA GLY A 413 8.92 -11.43 17.18
C GLY A 413 9.25 -9.97 17.36
N GLY A 414 10.53 -9.63 17.19
CA GLY A 414 10.94 -8.25 17.34
C GLY A 414 12.03 -8.11 18.38
N GLN A 415 12.23 -6.89 18.86
CA GLN A 415 13.26 -6.63 19.86
C GLN A 415 13.06 -7.53 21.08
N LEU A 416 14.11 -7.66 21.87
CA LEU A 416 14.11 -8.50 23.07
C LEU A 416 12.93 -8.31 24.02
N ALA A 417 12.47 -7.07 24.16
CA ALA A 417 11.37 -6.73 25.06
C ALA A 417 9.98 -7.24 24.70
N GLN A 418 9.78 -7.62 23.44
CA GLN A 418 8.48 -8.08 22.96
C GLN A 418 7.71 -9.13 23.75
N PRO A 419 8.30 -10.33 23.91
CA PRO A 419 7.61 -11.40 24.64
C PRO A 419 7.22 -11.19 26.08
N TRP A 420 7.92 -10.36 26.85
CA TRP A 420 7.53 -10.13 28.23
C TRP A 420 6.42 -9.11 28.24
N HIS A 421 6.41 -8.31 27.18
CA HIS A 421 5.39 -7.29 26.98
C HIS A 421 4.08 -7.94 26.54
N GLN A 422 4.19 -8.83 25.58
CA GLN A 422 3.04 -9.54 25.04
C GLN A 422 2.43 -10.49 26.08
N SER A 423 3.25 -11.00 27.00
CA SER A 423 2.74 -11.93 28.02
C SER A 423 1.80 -11.27 29.01
N LEU A 424 1.71 -9.94 28.97
CA LEU A 424 0.83 -9.21 29.88
C LEU A 424 -0.63 -9.48 29.53
N ILE A 425 -0.88 -10.04 28.37
CA ILE A 425 -2.24 -10.32 27.95
C ILE A 425 -2.84 -11.60 28.51
N GLY A 428 -0.28 -14.81 29.79
CA GLY A 428 0.29 -16.12 29.53
C GLY A 428 0.74 -16.27 28.08
N ALA A 429 -0.17 -16.65 27.18
CA ALA A 429 0.20 -16.81 25.77
C ALA A 429 -0.94 -16.51 24.76
N GLY A 430 -1.20 -17.46 23.85
CA GLY A 430 -2.21 -17.32 22.80
C GLY A 430 -3.48 -16.48 23.00
N PRO A 431 -3.80 -15.58 22.05
CA PRO A 431 -4.99 -14.72 22.12
C PRO A 431 -6.29 -15.54 22.11
N ARG A 432 -7.16 -15.28 23.09
CA ARG A 432 -8.41 -16.01 23.23
C ARG A 432 -9.66 -15.27 22.77
N THR A 433 -9.53 -13.96 22.54
CA THR A 433 -10.66 -13.13 22.10
C THR A 433 -10.19 -12.09 21.09
N VAL A 434 -11.12 -11.55 20.30
CA VAL A 434 -10.77 -10.54 19.31
C VAL A 434 -10.01 -9.36 19.95
N ASP A 435 -10.35 -9.02 21.18
CA ASP A 435 -9.69 -7.92 21.87
C ASP A 435 -8.24 -8.27 22.21
N GLU A 436 -8.01 -9.50 22.65
CA GLU A 436 -6.65 -9.90 22.99
C GLU A 436 -5.83 -9.96 21.71
N ALA A 437 -6.46 -10.38 20.61
CA ALA A 437 -5.78 -10.47 19.34
C ALA A 437 -5.38 -9.07 18.89
N ALA A 438 -6.33 -8.15 18.91
CA ALA A 438 -6.08 -6.76 18.51
C ALA A 438 -4.97 -6.18 19.39
N SER A 439 -5.05 -6.50 20.67
CA SER A 439 -4.08 -6.03 21.63
C SER A 439 -2.65 -6.46 21.29
N MSE A 440 -2.47 -7.70 20.82
CA MSE A 440 -1.13 -8.20 20.45
C MSE A 440 -0.68 -7.65 19.11
O MSE A 440 0.52 -7.54 18.84
CB MSE A 440 -1.12 -9.71 20.41
CG MSE A 440 -1.64 -10.39 21.64
SE MSE A 440 -1.35 -12.31 21.62
CE MSE A 440 -1.24 -12.60 23.54
N LEU A 441 -1.64 -7.35 18.23
CA LEU A 441 -1.35 -6.81 16.92
C LEU A 441 -0.81 -5.39 17.08
N PHE A 442 -1.27 -4.68 18.10
CA PHE A 442 -0.76 -3.34 18.31
C PHE A 442 0.69 -3.45 18.78
N ALA A 443 1.00 -4.52 19.48
CA ALA A 443 2.36 -4.72 19.95
C ALA A 443 3.24 -5.12 18.77
N VAL A 444 2.66 -5.78 17.78
CA VAL A 444 3.41 -6.17 16.58
C VAL A 444 3.83 -4.88 15.88
N MSE A 445 2.87 -3.98 15.72
CA MSE A 445 3.08 -2.68 15.08
C MSE A 445 4.13 -1.79 15.74
O MSE A 445 5.09 -1.35 15.11
CB MSE A 445 1.78 -1.86 15.09
CG MSE A 445 0.71 -2.20 14.10
SE MSE A 445 -0.87 -1.10 14.52
CE MSE A 445 -2.02 -1.58 13.03
N MSE A 446 3.92 -1.54 17.04
CA MSE A 446 4.78 -0.65 17.81
C MSE A 446 6.02 -1.22 18.50
O MSE A 446 7.03 -0.52 18.61
CB MSE A 446 3.94 0.10 18.84
CG MSE A 446 2.63 0.64 18.32
SE MSE A 446 2.78 1.79 16.73
CE MSE A 446 3.98 3.16 17.47
N VAL A 447 5.96 -2.44 18.99
CA VAL A 447 7.13 -3.00 19.68
C VAL A 447 7.96 -3.93 18.81
N GLY A 448 7.34 -4.49 17.77
CA GLY A 448 8.05 -5.39 16.88
C GLY A 448 8.34 -4.77 15.52
N ASP A 449 8.71 -5.61 14.55
CA ASP A 449 9.00 -5.20 13.18
C ASP A 449 8.81 -6.36 12.22
N ASP A 450 9.59 -6.45 11.14
CA ASP A 450 9.36 -7.56 10.21
C ASP A 450 9.71 -8.94 10.78
N ARG A 451 10.40 -8.97 11.92
CA ARG A 451 10.74 -10.26 12.54
C ARG A 451 9.43 -10.93 12.96
N CYS A 452 8.32 -10.21 12.89
CA CYS A 452 7.03 -10.76 13.26
C CYS A 452 6.38 -11.50 12.10
N VAL A 453 6.97 -11.35 10.91
CA VAL A 453 6.46 -12.02 9.73
C VAL A 453 7.14 -13.38 9.67
N ASP A 454 6.39 -14.43 10.01
CA ASP A 454 6.94 -15.77 10.02
C ASP A 454 6.73 -16.53 8.72
N GLU A 455 5.57 -16.36 8.09
CA GLU A 455 5.29 -17.03 6.84
C GLU A 455 4.46 -16.13 5.94
N THR A 456 4.78 -16.12 4.65
CA THR A 456 4.04 -15.31 3.68
C THR A 456 3.55 -16.27 2.60
N TRP A 457 2.23 -16.30 2.38
CA TRP A 457 1.65 -17.19 1.38
C TRP A 457 1.01 -16.40 0.25
N VAL A 458 1.11 -16.94 -0.96
CA VAL A 458 0.53 -16.31 -2.13
C VAL A 458 -0.22 -17.38 -2.90
N MSE A 459 -1.55 -17.23 -3.00
CA MSE A 459 -2.37 -18.19 -3.71
C MSE A 459 -2.32 -19.60 -3.10
O MSE A 459 -2.18 -20.60 -3.82
CB MSE A 459 -1.94 -18.27 -5.18
CG MSE A 459 -2.29 -17.03 -5.98
SE MSE A 459 -4.23 -16.77 -6.12
CE MSE A 459 -4.47 -17.38 -7.97
N GLY A 460 -2.39 -19.68 -1.77
CA GLY A 460 -2.36 -20.99 -1.13
C GLY A 460 -1.01 -21.68 -1.19
N LYS A 461 0.00 -20.97 -1.67
CA LYS A 461 1.34 -21.51 -1.79
C LYS A 461 2.28 -20.74 -0.84
N ARG A 462 3.01 -21.44 0.01
CA ARG A 462 3.92 -20.76 0.92
C ARG A 462 5.21 -20.33 0.23
N LEU A 463 5.31 -19.05 -0.11
CA LEU A 463 6.49 -18.52 -0.78
C LEU A 463 7.63 -18.15 0.16
N TYR A 464 7.32 -17.82 1.41
CA TYR A 464 8.36 -17.42 2.35
C TYR A 464 8.17 -18.07 3.71
N LYS A 465 9.27 -18.25 4.45
CA LYS A 465 9.22 -18.84 5.78
C LYS A 465 10.48 -18.42 6.52
N LYS A 466 10.34 -17.49 7.46
CA LYS A 466 11.48 -17.00 8.24
C LYS A 466 12.35 -18.16 8.74
N SER A 467 13.66 -18.06 8.51
CA SER A 467 14.60 -19.09 8.93
C SER A 467 14.50 -19.32 10.44
ZN ZN B . 6.63 7.79 -4.52
N9 GUN C . 7.48 11.83 -7.33
C8 GUN C . 8.27 12.91 -7.61
N7 GUN C . 9.04 13.19 -6.60
C5 GUN C . 8.82 12.31 -5.59
C6 GUN C . 9.35 12.13 -4.28
O6 GUN C . 10.24 12.86 -3.83
N1 GUN C . 8.85 11.07 -3.52
C2 GUN C . 7.86 10.24 -4.01
N2 GUN C . 7.38 9.19 -3.24
N3 GUN C . 7.36 10.40 -5.22
C4 GUN C . 7.79 11.41 -6.04
#